data_5RZO
#
_entry.id   5RZO
#
_cell.length_a   38.498
_cell.length_b   77.528
_cell.length_c   99.830
_cell.angle_alpha   90.000
_cell.angle_beta   90.000
_cell.angle_gamma   90.000
#
_symmetry.space_group_name_H-M   'P 21 21 21'
#
loop_
_entity.id
_entity.type
_entity.pdbx_description
1 polymer 'Isoform 2 of Band 4.1-like protein 3'
2 non-polymer 4-[(5-chloro-1,2,3-thiadiazol-4-yl)methyl]morpholine
3 non-polymer 'DIMETHYL SULFOXIDE'
4 non-polymer 1,2-ETHANEDIOL
5 water water
#
_entity_poly.entity_id   1
_entity_poly.type   'polypeptide(L)'
_entity_poly.pdbx_seq_one_letter_code
;SMPKSMQCKVILLDGSEYTCDVEKRSRGQVLFDKVCEHLNLLEKDYFGLTYRDAENQKNWLDPAKEIKKQVRSGAWHFSF
NVKFYPPDPAQLSEDITRYYLCLQLRDDIVSGRLPCSFVTLALLGSYTVQSELGDYDPDECGSDYISEFRFAPNHTKELE
DKVIELHKSHRGMTPAEAEMHFLENAKKLSMYGVDLHHAKDSEGVEIMLGVCASGLLIYRDRLRINRFAWPKVLKISYKR
NNFYIKIRPGEFEQFESTIGFKLPNHRAAKRLWKVCVEHHTFFRLL
;
_entity_poly.pdbx_strand_id   A
#
loop_
_chem_comp.id
_chem_comp.type
_chem_comp.name
_chem_comp.formula
DMS non-polymer 'DIMETHYL SULFOXIDE' 'C2 H6 O S'
EDO non-polymer 1,2-ETHANEDIOL 'C2 H6 O2'
WJ4 non-polymer 4-[(5-chloro-1,2,3-thiadiazol-4-yl)methyl]morpholine 'C7 H10 Cl N3 O S'
#
# COMPACT_ATOMS: atom_id res chain seq x y z
N PRO A 3 20.32 -24.72 17.82
CA PRO A 3 19.25 -24.23 16.93
C PRO A 3 19.66 -22.96 16.16
N LYS A 4 19.95 -23.09 14.88
CA LYS A 4 20.62 -22.01 14.12
C LYS A 4 19.60 -20.93 13.77
N SER A 5 19.91 -19.67 14.11
N SER A 5 19.92 -19.69 14.16
CA SER A 5 19.02 -18.50 13.89
CA SER A 5 19.10 -18.46 13.94
C SER A 5 19.67 -17.50 12.94
C SER A 5 19.65 -17.67 12.75
N MET A 6 18.84 -16.76 12.18
CA MET A 6 19.28 -15.83 11.11
C MET A 6 18.90 -14.40 11.52
N GLN A 7 19.73 -13.45 11.16
CA GLN A 7 19.46 -12.04 11.51
C GLN A 7 18.53 -11.48 10.44
N CYS A 8 17.40 -10.90 10.87
CA CYS A 8 16.45 -10.22 9.97
C CYS A 8 16.55 -8.72 10.19
N LYS A 9 16.57 -7.95 9.12
CA LYS A 9 16.48 -6.49 9.13
C LYS A 9 15.21 -6.05 8.39
N VAL A 10 14.48 -5.17 9.02
CA VAL A 10 13.10 -4.79 8.63
C VAL A 10 13.05 -3.27 8.62
N ILE A 11 12.86 -2.66 7.45
CA ILE A 11 12.62 -1.19 7.40
C ILE A 11 11.19 -0.94 7.87
N LEU A 12 11.02 -0.12 8.90
CA LEU A 12 9.72 0.25 9.50
C LEU A 12 9.18 1.47 8.75
N LEU A 13 7.90 1.78 8.94
CA LEU A 13 7.22 2.83 8.13
C LEU A 13 7.75 4.22 8.47
N ASP A 14 8.35 4.43 9.65
CA ASP A 14 8.97 5.72 10.04
C ASP A 14 10.42 5.78 9.56
N GLY A 15 10.89 4.76 8.81
CA GLY A 15 12.22 4.81 8.17
C GLY A 15 13.29 4.14 9.01
N SER A 16 13.00 3.82 10.27
CA SER A 16 13.97 3.16 11.15
C SER A 16 14.06 1.66 10.78
N GLU A 17 15.15 1.03 11.23
CA GLU A 17 15.53 -0.37 10.90
C GLU A 17 15.43 -1.20 12.18
N TYR A 18 14.48 -2.14 12.25
CA TYR A 18 14.37 -3.11 13.36
C TYR A 18 15.11 -4.38 12.96
N THR A 19 15.92 -4.87 13.90
CA THR A 19 16.75 -6.08 13.77
C THR A 19 16.26 -7.10 14.79
N CYS A 20 16.07 -8.33 14.37
CA CYS A 20 15.80 -9.48 15.26
C CYS A 20 16.38 -10.75 14.64
N ASP A 21 16.23 -11.86 15.34
CA ASP A 21 16.72 -13.18 14.91
C ASP A 21 15.54 -14.12 14.88
N VAL A 22 15.47 -15.01 13.91
CA VAL A 22 14.52 -16.18 13.93
C VAL A 22 15.29 -17.45 13.60
N GLU A 23 14.79 -18.63 13.98
CA GLU A 23 15.36 -19.93 13.56
C GLU A 23 15.32 -19.98 12.02
N LYS A 24 16.38 -20.48 11.38
CA LYS A 24 16.59 -20.37 9.90
C LYS A 24 15.47 -21.09 9.11
N ARG A 25 14.81 -22.10 9.69
CA ARG A 25 13.66 -22.77 9.06
C ARG A 25 12.33 -22.07 9.37
N SER A 26 12.34 -20.91 10.02
CA SER A 26 11.11 -20.15 10.39
C SER A 26 10.23 -19.82 9.17
N ARG A 27 8.91 -19.94 9.35
CA ARG A 27 7.84 -19.41 8.46
C ARG A 27 7.80 -17.88 8.59
N GLY A 28 7.27 -17.19 7.58
CA GLY A 28 7.23 -15.72 7.58
C GLY A 28 6.49 -15.16 8.80
N GLN A 29 5.46 -15.87 9.28
CA GLN A 29 4.56 -15.42 10.37
C GLN A 29 5.40 -15.15 11.61
N VAL A 30 6.41 -15.98 11.85
CA VAL A 30 7.26 -15.86 13.07
C VAL A 30 7.84 -14.44 13.08
N LEU A 31 8.46 -14.03 11.99
CA LEU A 31 9.13 -12.70 11.92
C LEU A 31 8.07 -11.60 11.95
N PHE A 32 6.98 -11.78 11.23
CA PHE A 32 5.84 -10.81 11.24
C PHE A 32 5.31 -10.62 12.68
N ASP A 33 5.09 -11.70 13.44
CA ASP A 33 4.66 -11.62 14.86
C ASP A 33 5.63 -10.73 15.63
N LYS A 34 6.94 -10.96 15.49
CA LYS A 34 8.00 -10.16 16.17
C LYS A 34 7.88 -8.69 15.77
N VAL A 35 7.75 -8.38 14.48
CA VAL A 35 7.68 -6.94 14.06
C VAL A 35 6.40 -6.30 14.61
N CYS A 36 5.27 -6.99 14.53
CA CYS A 36 3.98 -6.43 15.03
C CYS A 36 4.04 -6.19 16.55
N GLU A 37 4.58 -7.13 17.32
CA GLU A 37 4.75 -6.96 18.76
C GLU A 37 5.69 -5.78 19.01
N HIS A 38 6.80 -5.68 18.28
CA HIS A 38 7.67 -4.47 18.41
C HIS A 38 6.81 -3.22 18.22
N LEU A 39 5.90 -3.24 17.24
CA LEU A 39 5.16 -2.02 16.83
C LEU A 39 3.95 -1.80 17.74
N ASN A 40 3.67 -2.72 18.69
CA ASN A 40 2.44 -2.76 19.51
C ASN A 40 1.18 -2.78 18.63
N LEU A 41 1.22 -3.51 17.52
CA LEU A 41 0.12 -3.53 16.52
C LEU A 41 -0.67 -4.83 16.73
N LEU A 42 -1.98 -4.69 16.96
CA LEU A 42 -2.95 -5.79 17.17
C LEU A 42 -3.73 -6.04 15.88
N GLU A 43 -4.07 -5.00 15.12
CA GLU A 43 -4.84 -5.18 13.87
C GLU A 43 -3.85 -5.52 12.76
N LYS A 44 -3.23 -6.71 12.82
CA LYS A 44 -2.08 -7.13 11.96
C LYS A 44 -2.54 -7.52 10.53
N ASP A 45 -3.79 -7.92 10.37
CA ASP A 45 -4.39 -8.43 9.11
C ASP A 45 -4.17 -7.49 7.92
N TYR A 46 -4.17 -6.16 8.09
CA TYR A 46 -3.99 -5.18 6.98
C TYR A 46 -2.52 -5.14 6.52
N PHE A 47 -1.59 -5.78 7.22
CA PHE A 47 -0.12 -5.51 7.04
C PHE A 47 0.61 -6.75 6.58
N GLY A 48 1.85 -6.57 6.12
CA GLY A 48 2.72 -7.69 5.77
C GLY A 48 4.15 -7.20 5.63
N LEU A 49 5.05 -8.12 5.36
CA LEU A 49 6.46 -7.86 5.03
C LEU A 49 6.67 -8.09 3.54
N THR A 50 7.45 -7.21 2.94
CA THR A 50 7.92 -7.32 1.55
C THR A 50 9.41 -7.63 1.60
N TYR A 51 9.91 -8.31 0.58
CA TYR A 51 11.36 -8.43 0.29
C TYR A 51 11.54 -8.22 -1.21
N ARG A 52 12.78 -7.98 -1.63
CA ARG A 52 13.21 -7.81 -3.04
C ARG A 52 13.74 -9.14 -3.54
N ASP A 53 13.26 -9.65 -4.67
CA ASP A 53 13.72 -10.94 -5.23
C ASP A 53 14.99 -10.68 -6.03
N ALA A 54 15.51 -11.76 -6.64
CA ALA A 54 16.77 -11.77 -7.43
C ALA A 54 16.60 -10.90 -8.68
N GLU A 55 15.37 -10.62 -9.13
CA GLU A 55 15.09 -9.63 -10.22
C GLU A 55 14.88 -8.22 -9.61
N ASN A 56 15.04 -8.05 -8.28
CA ASN A 56 14.87 -6.76 -7.53
C ASN A 56 13.37 -6.31 -7.54
N GLN A 57 12.45 -7.26 -7.64
CA GLN A 57 10.99 -6.96 -7.58
C GLN A 57 10.54 -7.15 -6.12
N LYS A 58 9.70 -6.23 -5.64
CA LYS A 58 8.95 -6.35 -4.37
C LYS A 58 8.04 -7.57 -4.43
N ASN A 59 8.15 -8.43 -3.44
CA ASN A 59 7.30 -9.61 -3.22
C ASN A 59 6.77 -9.57 -1.78
N TRP A 60 5.51 -9.98 -1.57
CA TRP A 60 4.97 -10.21 -0.22
C TRP A 60 5.64 -11.45 0.35
N LEU A 61 6.19 -11.38 1.55
CA LEU A 61 6.63 -12.58 2.28
C LEU A 61 5.37 -13.35 2.68
N ASP A 62 5.27 -14.60 2.24
CA ASP A 62 4.14 -15.48 2.61
C ASP A 62 4.32 -15.92 4.04
N PRO A 63 3.40 -15.54 4.96
CA PRO A 63 3.53 -15.91 6.36
C PRO A 63 3.47 -17.42 6.56
N ALA A 64 2.86 -18.15 5.65
CA ALA A 64 2.66 -19.61 5.77
C ALA A 64 3.88 -20.39 5.25
N LYS A 65 4.82 -19.75 4.54
CA LYS A 65 5.95 -20.46 3.88
C LYS A 65 7.26 -20.15 4.59
N GLU A 66 8.20 -21.08 4.50
CA GLU A 66 9.56 -20.85 5.04
C GLU A 66 10.09 -19.53 4.46
N ILE A 67 10.71 -18.72 5.31
CA ILE A 67 11.41 -17.49 4.89
C ILE A 67 12.49 -17.87 3.87
N LYS A 68 13.26 -18.94 4.16
CA LYS A 68 14.45 -19.25 3.35
C LYS A 68 14.03 -19.63 1.93
N LYS A 69 12.84 -20.21 1.76
CA LYS A 69 12.37 -20.71 0.44
C LYS A 69 11.77 -19.56 -0.35
N GLN A 70 11.67 -18.37 0.23
CA GLN A 70 11.15 -17.16 -0.46
C GLN A 70 12.32 -16.22 -0.76
N VAL A 71 13.15 -15.88 0.23
CA VAL A 71 14.29 -14.94 0.02
C VAL A 71 15.40 -15.68 -0.73
N ARG A 72 15.40 -17.01 -0.62
CA ARG A 72 16.23 -17.95 -1.44
C ARG A 72 17.71 -17.56 -1.31
N SER A 73 18.28 -16.90 -2.32
CA SER A 73 19.72 -16.56 -2.36
C SER A 73 19.94 -15.14 -1.83
N GLY A 74 18.87 -14.38 -1.60
CA GLY A 74 18.90 -12.96 -1.19
C GLY A 74 19.16 -12.80 0.31
N ALA A 75 19.40 -11.56 0.72
CA ALA A 75 19.59 -11.13 2.12
C ALA A 75 18.26 -11.23 2.86
N TRP A 76 18.30 -11.33 4.19
CA TRP A 76 17.11 -11.38 5.05
C TRP A 76 16.80 -9.94 5.49
N HIS A 77 16.47 -9.13 4.48
CA HIS A 77 16.11 -7.70 4.58
C HIS A 77 14.68 -7.56 4.10
N PHE A 78 13.86 -6.87 4.86
CA PHE A 78 12.42 -6.76 4.56
C PHE A 78 11.99 -5.32 4.82
N SER A 79 10.78 -5.00 4.39
CA SER A 79 10.05 -3.79 4.79
C SER A 79 8.72 -4.21 5.37
N PHE A 80 8.21 -3.42 6.31
CA PHE A 80 6.86 -3.54 6.89
C PHE A 80 5.94 -2.58 6.12
N ASN A 81 4.82 -3.08 5.61
CA ASN A 81 3.96 -2.32 4.69
C ASN A 81 2.48 -2.66 4.92
N VAL A 82 1.62 -1.75 4.49
CA VAL A 82 0.17 -2.00 4.36
C VAL A 82 0.02 -2.93 3.15
N LYS A 83 -0.59 -4.06 3.37
CA LYS A 83 -0.96 -5.03 2.34
C LYS A 83 -2.39 -4.74 1.88
N PHE A 84 -3.35 -4.68 2.79
CA PHE A 84 -4.78 -4.42 2.44
C PHE A 84 -5.17 -3.05 2.96
N TYR A 85 -5.35 -2.07 2.07
CA TYR A 85 -5.74 -0.70 2.50
C TYR A 85 -7.22 -0.73 2.85
N PRO A 86 -7.66 -0.48 4.10
CA PRO A 86 -9.10 -0.50 4.39
C PRO A 86 -9.83 0.61 3.67
N PRO A 87 -10.95 0.30 2.97
CA PRO A 87 -11.74 1.31 2.31
C PRO A 87 -12.29 2.35 3.29
N ASP A 88 -12.52 1.97 4.54
CA ASP A 88 -13.04 2.90 5.56
C ASP A 88 -12.21 2.78 6.83
N PRO A 89 -11.09 3.55 6.90
CA PRO A 89 -10.19 3.45 8.03
C PRO A 89 -10.85 3.88 9.37
N ALA A 90 -11.93 4.67 9.34
CA ALA A 90 -12.72 5.03 10.53
C ALA A 90 -13.17 3.74 11.23
N GLN A 91 -13.28 2.64 10.51
CA GLN A 91 -13.85 1.41 11.11
C GLN A 91 -12.79 0.55 11.77
N LEU A 92 -11.51 0.87 11.61
CA LEU A 92 -10.44 0.14 12.34
C LEU A 92 -10.66 0.33 13.84
N SER A 93 -10.33 -0.65 14.65
CA SER A 93 -10.62 -0.59 16.10
C SER A 93 -9.55 0.23 16.84
N GLU A 94 -8.30 0.34 16.34
CA GLU A 94 -7.26 1.08 17.10
C GLU A 94 -6.71 2.29 16.33
N ASP A 95 -6.41 3.32 17.10
CA ASP A 95 -5.72 4.54 16.65
C ASP A 95 -4.33 4.17 16.13
N ILE A 96 -3.63 3.22 16.72
CA ILE A 96 -2.23 2.93 16.32
C ILE A 96 -2.26 2.27 14.95
N THR A 97 -3.34 1.53 14.65
CA THR A 97 -3.58 0.94 13.31
C THR A 97 -3.66 2.10 12.33
N ARG A 98 -4.48 3.09 12.63
CA ARG A 98 -4.66 4.28 11.72
C ARG A 98 -3.32 5.03 11.57
N TYR A 99 -2.51 5.07 12.63
CA TYR A 99 -1.17 5.71 12.61
C TYR A 99 -0.26 5.03 11.58
N TYR A 100 -0.08 3.72 11.64
CA TYR A 100 0.76 3.00 10.67
C TYR A 100 0.18 3.19 9.27
N LEU A 101 -1.15 3.19 9.13
CA LEU A 101 -1.75 3.39 7.79
C LEU A 101 -1.36 4.78 7.27
N CYS A 102 -1.40 5.81 8.11
CA CYS A 102 -0.98 7.20 7.76
C CYS A 102 0.50 7.20 7.32
N LEU A 103 1.37 6.49 8.02
CA LEU A 103 2.82 6.53 7.69
C LEU A 103 2.97 5.93 6.31
N GLN A 104 2.23 4.85 6.02
CA GLN A 104 2.36 4.14 4.71
C GLN A 104 1.91 5.10 3.63
N LEU A 105 0.74 5.71 3.82
CA LEU A 105 0.20 6.65 2.84
C LEU A 105 1.13 7.84 2.63
N ARG A 106 1.75 8.38 3.67
CA ARG A 106 2.71 9.50 3.47
C ARG A 106 3.81 9.05 2.50
N ASP A 107 4.25 7.79 2.58
CA ASP A 107 5.31 7.24 1.69
C ASP A 107 4.73 7.02 0.30
N ASP A 108 3.50 6.55 0.20
CA ASP A 108 2.76 6.43 -1.06
C ASP A 108 2.75 7.80 -1.74
N ILE A 109 2.58 8.88 -0.99
CA ILE A 109 2.39 10.23 -1.60
C ILE A 109 3.75 10.73 -2.08
N VAL A 110 4.77 10.70 -1.22
CA VAL A 110 6.14 11.24 -1.50
C VAL A 110 6.74 10.48 -2.69
N SER A 111 6.53 9.17 -2.72
CA SER A 111 7.02 8.23 -3.76
C SER A 111 6.35 8.52 -5.10
N GLY A 112 5.19 9.16 -5.12
CA GLY A 112 4.40 9.34 -6.35
C GLY A 112 3.48 8.19 -6.69
N ARG A 113 3.43 7.12 -5.92
CA ARG A 113 2.47 6.00 -6.17
C ARG A 113 1.04 6.46 -5.95
N LEU A 114 0.81 7.48 -5.11
CA LEU A 114 -0.57 7.97 -4.80
C LEU A 114 -0.65 9.43 -5.28
N PRO A 115 -1.02 9.65 -6.55
CA PRO A 115 -1.09 11.00 -7.10
C PRO A 115 -2.13 11.76 -6.32
N CYS A 116 -1.95 13.08 -6.27
N CYS A 116 -1.82 13.04 -6.06
CA CYS A 116 -2.66 13.96 -5.33
CA CYS A 116 -2.63 14.00 -5.26
C CYS A 116 -2.56 15.40 -5.81
C CYS A 116 -2.59 15.38 -5.93
N SER A 117 -3.69 16.13 -5.84
CA SER A 117 -3.75 17.57 -6.23
C SER A 117 -2.95 18.42 -5.20
N PHE A 118 -2.55 19.62 -5.62
CA PHE A 118 -1.88 20.62 -4.78
C PHE A 118 -2.60 20.73 -3.44
N VAL A 119 -3.92 20.94 -3.49
CA VAL A 119 -4.69 21.26 -2.28
C VAL A 119 -4.74 20.03 -1.39
N THR A 120 -4.91 18.83 -1.93
CA THR A 120 -4.90 17.61 -1.11
C THR A 120 -3.52 17.37 -0.53
N LEU A 121 -2.45 17.52 -1.31
CA LEU A 121 -1.09 17.46 -0.72
C LEU A 121 -0.96 18.39 0.49
N ALA A 122 -1.37 19.66 0.36
CA ALA A 122 -1.30 20.64 1.49
C ALA A 122 -2.19 20.23 2.65
N LEU A 123 -3.41 19.75 2.40
CA LEU A 123 -4.33 19.36 3.49
C LEU A 123 -3.81 18.11 4.22
N LEU A 124 -3.34 17.12 3.49
CA LEU A 124 -2.71 15.92 4.11
C LEU A 124 -1.49 16.33 4.95
N GLY A 125 -0.58 17.13 4.40
CA GLY A 125 0.58 17.64 5.14
C GLY A 125 0.17 18.37 6.42
N SER A 126 -0.84 19.23 6.34
CA SER A 126 -1.33 20.03 7.49
C SER A 126 -1.83 19.10 8.60
N TYR A 127 -2.52 18.00 8.26
CA TYR A 127 -2.96 17.01 9.27
C TYR A 127 -1.71 16.34 9.89
N THR A 128 -0.74 15.96 9.08
CA THR A 128 0.50 15.30 9.59
C THR A 128 1.17 16.26 10.58
N VAL A 129 1.33 17.51 10.18
CA VAL A 129 2.01 18.50 11.04
C VAL A 129 1.21 18.65 12.34
N GLN A 130 -0.10 18.85 12.28
CA GLN A 130 -0.93 18.97 13.49
C GLN A 130 -0.74 17.77 14.41
N SER A 131 -0.80 16.56 13.85
N SER A 131 -0.77 16.56 13.85
CA SER A 131 -0.62 15.28 14.59
CA SER A 131 -0.63 15.28 14.59
C SER A 131 0.72 15.30 15.33
C SER A 131 0.72 15.22 15.30
N GLU A 132 1.80 15.65 14.64
CA GLU A 132 3.19 15.54 15.19
C GLU A 132 3.71 16.77 15.95
N LEU A 133 3.33 18.00 15.62
CA LEU A 133 3.84 19.20 16.35
C LEU A 133 2.76 19.69 17.31
N GLY A 134 1.50 19.42 16.99
CA GLY A 134 0.38 20.03 17.72
C GLY A 134 0.03 21.36 17.10
N ASP A 135 -0.57 22.24 17.88
CA ASP A 135 -1.12 23.54 17.41
C ASP A 135 -0.01 24.31 16.71
N TYR A 136 -0.38 25.00 15.64
CA TYR A 136 0.51 25.93 14.92
C TYR A 136 1.14 26.90 15.93
N ASP A 137 2.46 27.06 15.82
CA ASP A 137 3.27 28.03 16.58
C ASP A 137 4.02 28.87 15.54
N PRO A 138 3.81 30.20 15.48
CA PRO A 138 4.57 31.08 14.60
C PRO A 138 6.08 31.16 14.87
N ASP A 139 6.49 30.86 16.12
CA ASP A 139 7.90 30.89 16.60
C ASP A 139 8.70 29.80 15.88
N GLU A 140 7.99 28.80 15.32
CA GLU A 140 8.58 27.76 14.43
C GLU A 140 8.12 27.99 13.00
N CYS A 141 7.85 29.26 12.65
CA CYS A 141 7.32 29.66 11.32
C CYS A 141 7.59 31.15 11.03
N GLY A 142 8.48 31.41 10.08
CA GLY A 142 8.75 32.77 9.54
C GLY A 142 8.41 32.82 8.06
N SER A 143 8.59 33.99 7.42
CA SER A 143 8.33 34.19 5.98
C SER A 143 9.48 33.58 5.16
N ASP A 144 9.65 32.26 5.25
CA ASP A 144 10.64 31.48 4.48
C ASP A 144 10.77 30.06 5.05
N TYR A 145 9.83 29.64 5.92
CA TYR A 145 9.93 28.38 6.70
C TYR A 145 9.64 27.16 5.81
N ILE A 146 10.53 26.16 5.90
CA ILE A 146 10.50 24.90 5.09
C ILE A 146 10.80 23.72 6.03
N SER A 147 9.77 23.20 6.71
CA SER A 147 9.90 22.15 7.75
C SER A 147 10.40 20.84 7.12
N GLU A 148 10.89 19.92 7.97
CA GLU A 148 11.61 18.69 7.57
C GLU A 148 10.64 17.67 6.94
N PHE A 149 9.33 17.81 7.17
CA PHE A 149 8.32 16.88 6.67
C PHE A 149 8.40 16.90 5.14
N ARG A 150 8.42 15.69 4.60
CA ARG A 150 8.27 15.36 3.18
C ARG A 150 6.78 15.14 2.99
N PHE A 151 6.20 15.91 2.09
CA PHE A 151 4.74 15.97 1.84
C PHE A 151 4.39 15.55 0.42
N ALA A 152 5.35 15.46 -0.48
CA ALA A 152 5.04 15.42 -1.93
C ALA A 152 6.23 14.91 -2.70
N PRO A 153 6.02 14.37 -3.92
CA PRO A 153 7.13 13.96 -4.75
C PRO A 153 7.96 15.16 -5.18
N ASN A 154 7.38 16.37 -5.23
CA ASN A 154 8.12 17.61 -5.59
C ASN A 154 7.63 18.78 -4.75
N HIS A 155 8.52 19.27 -3.88
CA HIS A 155 8.20 20.36 -2.93
C HIS A 155 8.35 21.70 -3.63
N THR A 156 7.44 22.62 -3.32
CA THR A 156 7.52 24.03 -3.73
C THR A 156 7.26 24.90 -2.50
N LYS A 157 7.72 26.14 -2.57
CA LYS A 157 7.47 27.11 -1.47
C LYS A 157 5.96 27.34 -1.33
N GLU A 158 5.22 27.46 -2.44
CA GLU A 158 3.75 27.57 -2.47
C GLU A 158 3.14 26.41 -1.65
N LEU A 159 3.62 25.20 -1.85
CA LEU A 159 3.01 24.03 -1.14
C LEU A 159 3.30 24.19 0.36
N GLU A 160 4.52 24.56 0.70
CA GLU A 160 4.92 24.73 2.12
C GLU A 160 4.05 25.81 2.75
N ASP A 161 3.81 26.89 2.03
CA ASP A 161 2.98 28.01 2.52
C ASP A 161 1.56 27.47 2.80
N LYS A 162 1.02 26.68 1.89
CA LYS A 162 -0.38 26.22 2.02
C LYS A 162 -0.51 25.26 3.22
N VAL A 163 0.48 24.39 3.45
CA VAL A 163 0.48 23.46 4.64
C VAL A 163 0.36 24.33 5.89
N ILE A 164 1.09 25.42 5.95
CA ILE A 164 1.07 26.24 7.19
C ILE A 164 -0.29 26.95 7.30
N GLU A 165 -0.80 27.52 6.21
CA GLU A 165 -2.12 28.20 6.24
C GLU A 165 -3.15 27.23 6.82
N LEU A 166 -3.16 25.98 6.36
CA LEU A 166 -4.14 24.94 6.80
C LEU A 166 -3.82 24.49 8.22
N HIS A 167 -2.54 24.40 8.57
CA HIS A 167 -2.12 23.98 9.95
C HIS A 167 -2.71 25.01 10.95
N LYS A 168 -2.74 26.29 10.61
CA LYS A 168 -3.28 27.32 11.53
C LYS A 168 -4.76 27.02 11.83
N SER A 169 -5.48 26.40 10.91
CA SER A 169 -6.94 26.21 11.01
C SER A 169 -7.22 25.03 11.95
N HIS A 170 -6.24 24.19 12.25
CA HIS A 170 -6.47 22.92 12.98
C HIS A 170 -6.24 23.08 14.51
N ARG A 171 -6.25 24.29 15.07
CA ARG A 171 -5.89 24.54 16.50
C ARG A 171 -6.72 23.64 17.42
N GLY A 172 -6.08 22.89 18.33
CA GLY A 172 -6.76 22.08 19.35
C GLY A 172 -7.03 20.66 18.86
N MET A 173 -6.57 20.35 17.64
CA MET A 173 -6.83 19.01 17.05
C MET A 173 -5.86 18.03 17.72
N THR A 174 -6.39 16.91 18.17
CA THR A 174 -5.61 15.84 18.83
C THR A 174 -5.02 14.94 17.75
N PRO A 175 -3.90 14.23 18.05
CA PRO A 175 -3.20 13.40 17.07
C PRO A 175 -4.07 12.36 16.39
N ALA A 176 -4.95 11.69 17.14
CA ALA A 176 -5.86 10.64 16.64
C ALA A 176 -6.87 11.30 15.71
N GLU A 177 -7.26 12.51 16.06
CA GLU A 177 -8.26 13.30 15.31
C GLU A 177 -7.67 13.76 13.94
N ALA A 178 -6.45 14.29 13.93
CA ALA A 178 -5.77 14.77 12.70
C ALA A 178 -5.51 13.58 11.76
N GLU A 179 -5.04 12.48 12.33
CA GLU A 179 -4.82 11.19 11.60
C GLU A 179 -6.13 10.74 10.98
N MET A 180 -7.28 10.87 11.67
CA MET A 180 -8.56 10.38 11.09
C MET A 180 -8.91 11.27 9.90
N HIS A 181 -8.75 12.59 10.02
CA HIS A 181 -8.98 13.55 8.93
C HIS A 181 -8.07 13.24 7.73
N PHE A 182 -6.82 12.94 8.03
CA PHE A 182 -5.83 12.58 7.01
C PHE A 182 -6.45 11.42 6.21
N LEU A 183 -6.87 10.40 6.94
CA LEU A 183 -7.44 9.18 6.33
C LEU A 183 -8.75 9.48 5.57
N GLU A 184 -9.62 10.35 6.08
CA GLU A 184 -10.93 10.62 5.40
C GLU A 184 -10.67 11.28 4.04
N ASN A 185 -9.62 12.10 3.90
CA ASN A 185 -9.25 12.68 2.57
C ASN A 185 -8.52 11.63 1.69
N ALA A 186 -7.56 10.90 2.25
CA ALA A 186 -6.65 10.05 1.46
C ALA A 186 -7.46 8.90 0.82
N LYS A 187 -8.41 8.34 1.57
CA LYS A 187 -9.22 7.16 1.18
C LYS A 187 -10.03 7.51 -0.07
N LYS A 188 -10.22 8.79 -0.37
CA LYS A 188 -11.08 9.18 -1.51
C LYS A 188 -10.27 9.33 -2.78
N LEU A 189 -8.94 9.40 -2.70
CA LEU A 189 -8.10 9.58 -3.88
C LEU A 189 -8.27 8.39 -4.82
N SER A 190 -8.30 8.67 -6.10
CA SER A 190 -8.63 7.64 -7.11
C SER A 190 -7.59 6.50 -7.09
N MET A 191 -6.33 6.71 -6.69
CA MET A 191 -5.33 5.62 -6.65
C MET A 191 -5.10 5.11 -5.23
N TYR A 192 -5.98 5.41 -4.27
CA TYR A 192 -5.87 4.91 -2.87
C TYR A 192 -5.92 3.38 -2.86
N GLY A 193 -4.89 2.76 -2.31
CA GLY A 193 -4.83 1.30 -2.09
C GLY A 193 -4.72 0.50 -3.39
N VAL A 194 -4.33 1.14 -4.49
CA VAL A 194 -4.28 0.53 -5.85
C VAL A 194 -2.87 0.00 -6.03
N ASP A 195 -2.71 -1.31 -6.15
CA ASP A 195 -1.42 -1.96 -6.50
C ASP A 195 -1.38 -2.11 -8.03
N LEU A 196 -0.51 -1.36 -8.73
CA LEU A 196 -0.40 -1.27 -10.22
C LEU A 196 0.61 -2.30 -10.76
N HIS A 197 0.22 -3.02 -11.80
CA HIS A 197 1.10 -3.96 -12.56
C HIS A 197 1.07 -3.61 -14.05
N HIS A 198 2.24 -3.39 -14.64
CA HIS A 198 2.48 -3.29 -16.09
C HIS A 198 2.06 -4.60 -16.79
N ALA A 199 1.35 -4.49 -17.89
CA ALA A 199 0.93 -5.64 -18.72
C ALA A 199 0.61 -5.21 -20.14
N LYS A 200 0.33 -6.20 -20.99
CA LYS A 200 -0.17 -5.94 -22.36
C LYS A 200 -1.49 -6.67 -22.52
N ASP A 201 -2.42 -6.04 -23.25
CA ASP A 201 -3.72 -6.70 -23.53
C ASP A 201 -3.45 -7.75 -24.60
N SER A 202 -4.45 -8.55 -24.96
CA SER A 202 -4.38 -9.64 -25.97
C SER A 202 -3.99 -9.09 -27.36
N GLU A 203 -3.99 -7.77 -27.54
CA GLU A 203 -3.57 -7.14 -28.81
C GLU A 203 -2.13 -6.61 -28.70
N GLY A 204 -1.48 -6.70 -27.54
CA GLY A 204 -0.10 -6.21 -27.31
C GLY A 204 -0.04 -4.75 -26.85
N VAL A 205 -1.17 -4.08 -26.60
CA VAL A 205 -1.20 -2.64 -26.18
C VAL A 205 -0.88 -2.57 -24.67
N GLU A 206 0.05 -1.71 -24.29
CA GLU A 206 0.58 -1.60 -22.92
C GLU A 206 -0.54 -1.00 -22.08
N ILE A 207 -0.90 -1.69 -21.00
CA ILE A 207 -1.95 -1.25 -20.03
C ILE A 207 -1.30 -1.27 -18.64
N MET A 208 -2.07 -0.86 -17.64
CA MET A 208 -1.77 -1.11 -16.21
C MET A 208 -2.96 -1.87 -15.63
N LEU A 209 -2.69 -2.91 -14.87
CA LEU A 209 -3.70 -3.63 -14.08
C LEU A 209 -3.61 -3.11 -12.63
N GLY A 210 -4.69 -2.58 -12.09
CA GLY A 210 -4.71 -2.12 -10.70
C GLY A 210 -5.41 -3.14 -9.83
N VAL A 211 -4.84 -3.50 -8.69
CA VAL A 211 -5.47 -4.43 -7.70
C VAL A 211 -5.84 -3.62 -6.45
N CYS A 212 -7.12 -3.63 -6.08
CA CYS A 212 -7.61 -2.88 -4.89
C CYS A 212 -8.84 -3.58 -4.31
N ALA A 213 -9.36 -3.02 -3.22
CA ALA A 213 -10.49 -3.59 -2.45
C ALA A 213 -11.71 -3.84 -3.35
N SER A 214 -12.02 -2.92 -4.24
CA SER A 214 -13.30 -2.93 -5.01
C SER A 214 -13.17 -3.92 -6.17
N GLY A 215 -11.94 -4.14 -6.67
CA GLY A 215 -11.74 -5.19 -7.67
C GLY A 215 -10.50 -5.01 -8.50
N LEU A 216 -10.58 -5.40 -9.76
CA LEU A 216 -9.44 -5.34 -10.67
C LEU A 216 -9.69 -4.16 -11.59
N LEU A 217 -8.71 -3.28 -11.77
CA LEU A 217 -8.87 -2.10 -12.66
C LEU A 217 -7.93 -2.29 -13.85
N ILE A 218 -8.40 -1.98 -15.06
CA ILE A 218 -7.61 -2.02 -16.32
C ILE A 218 -7.49 -0.59 -16.88
N TYR A 219 -6.31 0.03 -16.72
CA TYR A 219 -6.00 1.39 -17.24
C TYR A 219 -5.37 1.25 -18.63
N ARG A 220 -6.20 1.45 -19.66
CA ARG A 220 -5.78 1.45 -21.09
C ARG A 220 -5.29 2.86 -21.43
N ASP A 221 -6.20 3.83 -21.43
CA ASP A 221 -5.92 5.29 -21.58
C ASP A 221 -6.78 6.06 -20.58
N ARG A 222 -6.84 7.38 -20.73
CA ARG A 222 -7.56 8.30 -19.79
C ARG A 222 -9.07 8.18 -20.04
N LEU A 223 -9.46 7.74 -21.24
CA LEU A 223 -10.88 7.58 -21.67
C LEU A 223 -11.32 6.13 -21.49
N ARG A 224 -10.39 5.18 -21.62
CA ARG A 224 -10.63 3.72 -21.61
C ARG A 224 -10.15 3.12 -20.28
N ILE A 225 -11.05 3.00 -19.29
CA ILE A 225 -10.74 2.41 -17.95
C ILE A 225 -11.83 1.40 -17.57
N ASN A 226 -11.54 0.11 -17.77
CA ASN A 226 -12.39 -1.05 -17.42
C ASN A 226 -12.27 -1.31 -15.92
N ARG A 227 -13.34 -1.81 -15.29
CA ARG A 227 -13.38 -2.15 -13.85
C ARG A 227 -14.15 -3.46 -13.66
N PHE A 228 -13.58 -4.41 -12.91
CA PHE A 228 -14.20 -5.71 -12.59
C PHE A 228 -14.26 -5.87 -11.07
N ALA A 229 -15.45 -5.68 -10.50
CA ALA A 229 -15.70 -5.84 -9.04
C ALA A 229 -15.41 -7.29 -8.68
N TRP A 230 -14.86 -7.53 -7.50
CA TRP A 230 -14.45 -8.89 -7.09
C TRP A 230 -15.58 -9.90 -7.25
N PRO A 231 -16.85 -9.59 -6.91
CA PRO A 231 -17.87 -10.63 -6.93
C PRO A 231 -17.98 -11.20 -8.36
N LYS A 232 -17.74 -10.37 -9.37
CA LYS A 232 -17.81 -10.74 -10.82
C LYS A 232 -16.60 -11.56 -11.31
N VAL A 233 -15.68 -11.98 -10.44
CA VAL A 233 -14.48 -12.74 -10.86
C VAL A 233 -14.56 -14.14 -10.24
N LEU A 234 -14.78 -15.17 -11.06
CA LEU A 234 -14.97 -16.55 -10.51
C LEU A 234 -13.62 -17.24 -10.38
N LYS A 235 -12.69 -16.94 -11.28
CA LYS A 235 -11.40 -17.65 -11.37
C LYS A 235 -10.35 -16.68 -11.92
N ILE A 236 -9.24 -16.65 -11.21
CA ILE A 236 -8.00 -15.92 -11.59
C ILE A 236 -6.97 -17.03 -11.83
N SER A 237 -6.28 -17.01 -12.95
CA SER A 237 -5.25 -18.03 -13.26
C SER A 237 -4.04 -17.37 -13.94
N TYR A 238 -2.90 -18.05 -13.90
CA TYR A 238 -1.75 -17.71 -14.78
C TYR A 238 -1.25 -18.98 -15.50
N LYS A 239 -0.60 -18.78 -16.64
CA LYS A 239 0.14 -19.84 -17.35
C LYS A 239 1.23 -19.16 -18.17
N ARG A 240 2.48 -19.56 -17.98
CA ARG A 240 3.67 -18.92 -18.62
C ARG A 240 3.70 -17.44 -18.24
N ASN A 241 3.71 -16.53 -19.22
CA ASN A 241 3.77 -15.07 -18.99
C ASN A 241 2.37 -14.47 -19.00
N ASN A 242 1.35 -15.33 -18.99
CA ASN A 242 -0.06 -14.91 -19.25
C ASN A 242 -0.88 -14.99 -17.96
N PHE A 243 -1.73 -13.98 -17.80
CA PHE A 243 -2.68 -13.85 -16.69
C PHE A 243 -4.07 -13.76 -17.32
N TYR A 244 -4.99 -14.55 -16.78
CA TYR A 244 -6.39 -14.67 -17.27
C TYR A 244 -7.32 -14.44 -16.08
N ILE A 245 -8.41 -13.73 -16.32
CA ILE A 245 -9.55 -13.73 -15.34
C ILE A 245 -10.82 -14.19 -16.04
N LYS A 246 -11.55 -15.08 -15.34
CA LYS A 246 -12.86 -15.64 -15.74
C LYS A 246 -13.95 -14.78 -15.09
N ILE A 247 -14.55 -13.88 -15.90
CA ILE A 247 -15.70 -12.96 -15.60
C ILE A 247 -17.02 -13.77 -15.56
N ARG A 248 -17.86 -13.51 -14.56
CA ARG A 248 -19.15 -14.24 -14.34
C ARG A 248 -20.06 -13.98 -15.55
N PRO A 249 -20.89 -14.95 -15.99
CA PRO A 249 -21.86 -14.67 -17.05
C PRO A 249 -22.84 -13.57 -16.57
N GLY A 250 -23.02 -12.51 -17.37
CA GLY A 250 -24.10 -11.53 -17.18
C GLY A 250 -25.46 -12.22 -17.17
N GLU A 251 -26.50 -11.53 -16.69
CA GLU A 251 -27.86 -12.12 -16.63
C GLU A 251 -28.28 -12.60 -18.03
N PHE A 252 -28.76 -13.84 -18.14
CA PHE A 252 -29.34 -14.41 -19.41
C PHE A 252 -28.22 -14.75 -20.40
N GLU A 253 -26.93 -14.52 -20.07
CA GLU A 253 -25.81 -14.93 -20.93
C GLU A 253 -25.47 -16.40 -20.64
N GLN A 254 -25.16 -17.16 -21.69
CA GLN A 254 -25.00 -18.63 -21.58
C GLN A 254 -23.64 -18.97 -20.95
N PHE A 255 -22.61 -18.13 -21.20
CA PHE A 255 -21.19 -18.49 -20.94
C PHE A 255 -20.41 -17.35 -20.27
N GLU A 256 -19.61 -17.71 -19.28
CA GLU A 256 -18.44 -16.93 -18.76
C GLU A 256 -17.65 -16.35 -19.93
N SER A 257 -17.00 -15.21 -19.73
CA SER A 257 -15.98 -14.64 -20.67
C SER A 257 -14.60 -14.70 -19.98
N THR A 258 -13.53 -14.94 -20.75
CA THR A 258 -12.15 -15.04 -20.22
C THR A 258 -11.42 -13.81 -20.75
N ILE A 259 -10.60 -13.16 -19.92
CA ILE A 259 -9.78 -12.00 -20.40
C ILE A 259 -8.34 -12.28 -20.04
N GLY A 260 -7.46 -12.04 -21.01
CA GLY A 260 -6.05 -12.47 -20.99
C GLY A 260 -5.11 -11.31 -21.13
N PHE A 261 -4.03 -11.36 -20.36
CA PHE A 261 -2.98 -10.31 -20.38
C PHE A 261 -1.61 -10.99 -20.46
N LYS A 262 -0.68 -10.27 -21.06
CA LYS A 262 0.75 -10.66 -21.11
C LYS A 262 1.49 -9.84 -20.06
N LEU A 263 2.15 -10.51 -19.14
CA LEU A 263 3.00 -9.83 -18.11
C LEU A 263 4.45 -9.89 -18.58
N PRO A 264 5.31 -8.98 -18.08
CA PRO A 264 6.73 -8.96 -18.41
C PRO A 264 7.44 -10.31 -18.49
N ASN A 265 7.11 -11.22 -17.57
CA ASN A 265 7.75 -12.55 -17.41
C ASN A 265 6.84 -13.41 -16.55
N HIS A 266 7.20 -14.67 -16.35
CA HIS A 266 6.39 -15.66 -15.61
C HIS A 266 6.25 -15.26 -14.15
N ARG A 267 7.28 -14.64 -13.57
CA ARG A 267 7.27 -14.32 -12.12
C ARG A 267 6.27 -13.20 -11.87
N ALA A 268 6.26 -12.19 -12.74
CA ALA A 268 5.33 -11.05 -12.73
C ALA A 268 3.90 -11.58 -12.93
N ALA A 269 3.69 -12.58 -13.80
CA ALA A 269 2.35 -13.19 -13.94
C ALA A 269 1.96 -13.87 -12.63
N LYS A 270 2.86 -14.62 -11.99
CA LYS A 270 2.51 -15.38 -10.76
C LYS A 270 2.24 -14.39 -9.62
N ARG A 271 3.02 -13.33 -9.53
CA ARG A 271 2.92 -12.29 -8.48
C ARG A 271 1.55 -11.60 -8.55
N LEU A 272 1.08 -11.26 -9.75
CA LEU A 272 -0.20 -10.57 -9.92
C LEU A 272 -1.33 -11.55 -9.59
N TRP A 273 -1.22 -12.81 -10.03
CA TRP A 273 -2.20 -13.87 -9.67
C TRP A 273 -2.34 -13.92 -8.15
N LYS A 274 -1.24 -13.96 -7.40
CA LYS A 274 -1.31 -14.22 -5.93
C LYS A 274 -1.89 -12.98 -5.22
N VAL A 275 -1.52 -11.77 -5.65
CA VAL A 275 -2.06 -10.53 -5.01
C VAL A 275 -3.57 -10.44 -5.29
N CYS A 276 -4.05 -10.82 -6.49
CA CYS A 276 -5.48 -10.84 -6.86
C CYS A 276 -6.30 -11.80 -5.98
N VAL A 277 -5.82 -13.03 -5.79
CA VAL A 277 -6.48 -14.08 -4.96
C VAL A 277 -6.58 -13.54 -3.54
N GLU A 278 -5.49 -13.00 -3.02
CA GLU A 278 -5.42 -12.46 -1.63
C GLU A 278 -6.40 -11.28 -1.48
N HIS A 279 -6.46 -10.35 -2.42
CA HIS A 279 -7.41 -9.21 -2.37
C HIS A 279 -8.83 -9.76 -2.46
N HIS A 280 -9.06 -10.70 -3.37
CA HIS A 280 -10.38 -11.34 -3.59
C HIS A 280 -10.82 -11.99 -2.29
N THR A 281 -9.94 -12.75 -1.63
CA THR A 281 -10.25 -13.42 -0.33
C THR A 281 -10.49 -12.36 0.75
N PHE A 282 -9.60 -11.39 0.89
CA PHE A 282 -9.68 -10.39 1.98
C PHE A 282 -10.95 -9.57 1.87
N PHE A 283 -11.24 -9.06 0.68
CA PHE A 283 -12.30 -8.02 0.51
C PHE A 283 -13.66 -8.71 0.24
N ARG A 284 -13.68 -10.03 0.12
CA ARG A 284 -14.91 -10.88 0.18
C ARG A 284 -15.36 -11.06 1.65
N LEU A 285 -14.43 -11.09 2.63
CA LEU A 285 -14.71 -11.40 4.06
C LEU A 285 -14.93 -10.11 4.86
N LEU A 286 -14.08 -9.09 4.64
CA LEU A 286 -14.19 -7.76 5.29
C LEU A 286 -15.63 -7.30 5.15
N1 WJ4 B . 1.37 1.77 -3.04
C4 WJ4 B . 4.36 -2.40 -0.70
C5 WJ4 B . 4.70 -0.06 -0.49
C6 WJ4 B . 3.55 0.34 -1.46
N WJ4 B . 0.43 2.58 -3.04
C WJ4 B . -0.44 0.31 -3.06
O WJ4 B . 4.42 -1.29 0.16
C1 WJ4 B . 0.96 0.40 -3.05
C2 WJ4 B . 2.01 -0.65 -3.12
C3 WJ4 B . 3.66 -2.04 -2.04
N2 WJ4 B . 2.75 -0.86 -1.84
S WJ4 B . -1.10 1.85 -3.07
CL WJ4 B . -1.41 -1.01 -3.06
S DMS C . 10.54 3.90 4.37
O DMS C . 9.12 3.49 4.62
C1 DMS C . 10.68 4.18 2.61
C2 DMS C . 10.67 5.60 4.93
S DMS D . -10.71 3.03 -5.90
O DMS D . -10.88 4.43 -5.41
C1 DMS D . -9.04 2.61 -5.53
C2 DMS D . -10.59 3.12 -7.68
C1 EDO E . -8.10 2.59 20.93
O1 EDO E . -7.07 3.11 20.10
C2 EDO E . -9.29 3.47 20.91
O2 EDO E . -9.84 3.67 19.59
C1 EDO F . 9.37 12.85 6.42
O1 EDO F . 9.89 14.10 6.80
C2 EDO F . 7.88 12.80 6.58
O2 EDO F . 7.09 12.42 5.45
C1 EDO G . 15.62 -16.17 -14.05
O1 EDO G . 16.99 -16.03 -13.65
C2 EDO G . 14.61 -15.65 -13.09
O2 EDO G . 13.62 -16.61 -12.71
#